data_1N2S
#
_entry.id   1N2S
#
_cell.length_a   47.435
_cell.length_b   71.572
_cell.length_c   82.281
_cell.angle_alpha   90.00
_cell.angle_beta   90.00
_cell.angle_gamma   90.00
#
_symmetry.space_group_name_H-M   'P 21 21 2'
#
loop_
_entity.id
_entity.type
_entity.pdbx_description
1 polymer 'dTDP-glucose oxidoreductase'
2 non-polymer 'MAGNESIUM ION'
3 non-polymer '1,4-DIHYDRONICOTINAMIDE ADENINE DINUCLEOTIDE'
4 non-polymer 2-AMINO-2-HYDROXYMETHYL-PROPANE-1,3-DIOL
5 water water
#
_entity_poly.entity_id   1
_entity_poly.type   'polypeptide(L)'
_entity_poly.pdbx_seq_one_letter_code
;MNILLFGKTGQVGWELQRSLAPVGNLIALDVHSKEFCGDFSNPKGVAETVRKLRPDVIVNAAAHTAVDKAESEPELAQLL
NATSVEAIAKAANETGAWVVHYSTDYVFPGTGDIPWQETDATSPLNVYGKTKLAGEKALQDNCPKHLIFRTSWVYAGKGN
NFAKTMLRLAKERQTLSVINDQYGAPTGAELLADCTAHAIRVALNKPEVAGLYHLVAGGTTTWHDYAALVFDEARKAGIT
LALTELNAVPTSAYPTPASRPGNSRLNTEKFQRNFDLILPQWELGVKRMLTEMFTTTTI
;
_entity_poly.pdbx_strand_id   A
#
# COMPACT_ATOMS: atom_id res chain seq x y z
N MET A 1 -6.00 11.04 -22.15
CA MET A 1 -7.17 10.58 -21.39
C MET A 1 -7.18 11.11 -20.00
N ASN A 2 -8.33 11.00 -19.33
CA ASN A 2 -8.55 11.47 -17.96
C ASN A 2 -8.34 10.43 -16.89
N ILE A 3 -7.59 10.78 -15.85
CA ILE A 3 -7.28 9.88 -14.75
C ILE A 3 -7.83 10.55 -13.51
N LEU A 4 -8.51 9.79 -12.66
CA LEU A 4 -9.01 10.31 -11.38
C LEU A 4 -8.38 9.54 -10.26
N LEU A 5 -7.76 10.23 -9.33
CA LEU A 5 -7.01 9.58 -8.21
C LEU A 5 -7.72 10.05 -6.91
N PHE A 6 -8.17 9.11 -6.08
CA PHE A 6 -8.67 9.37 -4.76
C PHE A 6 -7.48 9.00 -3.78
N GLY A 7 -7.40 9.70 -2.66
CA GLY A 7 -6.33 9.45 -1.67
C GLY A 7 -4.99 10.07 -2.01
N LYS A 8 -5.05 11.23 -2.64
CA LYS A 8 -3.89 11.94 -3.16
C LYS A 8 -2.88 12.32 -2.10
N THR A 9 -3.31 12.56 -0.86
CA THR A 9 -2.40 12.92 0.22
C THR A 9 -1.75 11.75 0.94
N GLY A 10 -2.14 10.50 0.65
CA GLY A 10 -1.53 9.39 1.35
C GLY A 10 -0.11 9.09 0.87
N GLN A 11 0.49 8.09 1.45
CA GLN A 11 1.84 7.70 1.08
C GLN A 11 1.84 7.32 -0.37
N VAL A 12 0.95 6.49 -0.78
CA VAL A 12 1.01 6.00 -2.18
C VAL A 12 0.44 7.08 -3.05
N GLY A 13 -0.69 7.66 -2.61
CA GLY A 13 -1.23 8.77 -3.35
C GLY A 13 -0.30 9.90 -3.67
N TRP A 14 0.52 10.34 -2.71
CA TRP A 14 1.41 11.46 -3.01
C TRP A 14 2.36 11.08 -4.16
N GLU A 15 2.84 9.82 -4.18
CA GLU A 15 3.70 9.32 -5.27
C GLU A 15 2.91 9.12 -6.61
N LEU A 16 1.62 8.80 -6.48
CA LEU A 16 0.78 8.73 -7.68
C LEU A 16 0.52 10.06 -8.31
N GLN A 17 0.44 11.11 -7.51
CA GLN A 17 0.30 12.41 -8.07
C GLN A 17 1.42 12.66 -9.05
N ARG A 18 2.59 12.13 -8.79
CA ARG A 18 3.73 12.36 -9.67
C ARG A 18 3.66 11.37 -10.85
N SER A 19 3.57 10.08 -10.53
CA SER A 19 3.64 9.00 -11.51
C SER A 19 2.55 9.02 -12.58
N LEU A 20 1.35 9.47 -12.22
CA LEU A 20 0.24 9.44 -13.12
C LEU A 20 0.23 10.73 -13.94
N ALA A 21 0.97 11.77 -13.54
CA ALA A 21 0.84 13.04 -14.25
C ALA A 21 1.13 12.98 -15.75
N PRO A 22 2.16 12.25 -16.22
CA PRO A 22 2.34 12.16 -17.68
C PRO A 22 1.38 11.17 -18.40
N VAL A 23 0.71 10.28 -17.66
CA VAL A 23 -0.06 9.20 -18.26
C VAL A 23 -1.43 9.64 -18.80
N GLY A 24 -1.98 10.68 -18.19
CA GLY A 24 -3.20 11.28 -18.63
C GLY A 24 -3.43 12.51 -17.78
N ASN A 25 -4.53 13.23 -18.11
CA ASN A 25 -4.93 14.42 -17.42
C ASN A 25 -5.43 14.01 -16.05
N LEU A 26 -4.66 14.38 -15.00
CA LEU A 26 -4.90 13.95 -13.65
C LEU A 26 -5.79 14.86 -12.83
N ILE A 27 -6.81 14.29 -12.21
CA ILE A 27 -7.63 15.02 -11.27
C ILE A 27 -7.41 14.31 -9.96
N ALA A 28 -6.81 15.00 -9.02
CA ALA A 28 -6.43 14.39 -7.77
C ALA A 28 -7.24 14.87 -6.60
N LEU A 29 -7.96 13.94 -5.98
CA LEU A 29 -8.86 14.23 -4.88
C LEU A 29 -8.46 13.56 -3.57
N ASP A 30 -8.87 14.16 -2.47
CA ASP A 30 -8.87 13.51 -1.16
C ASP A 30 -10.16 14.01 -0.36
N VAL A 31 -10.20 13.76 0.93
CA VAL A 31 -11.38 13.98 1.74
C VAL A 31 -11.86 15.42 1.79
N HIS A 32 -10.90 16.33 1.76
CA HIS A 32 -11.16 17.73 1.96
C HIS A 32 -11.43 18.49 0.66
N SER A 33 -11.18 17.81 -0.46
CA SER A 33 -11.50 18.36 -1.76
C SER A 33 -12.87 19.02 -1.62
N LYS A 34 -12.80 20.34 -1.76
CA LYS A 34 -13.88 21.25 -1.61
C LYS A 34 -14.79 21.30 -2.81
N GLU A 35 -14.17 21.31 -3.97
CA GLU A 35 -14.89 21.51 -5.21
C GLU A 35 -15.31 20.18 -5.87
N PHE A 36 -14.91 19.07 -5.25
CA PHE A 36 -15.28 17.71 -5.68
C PHE A 36 -15.32 16.77 -4.44
N CYS A 37 -16.30 15.85 -4.36
CA CYS A 37 -16.34 14.89 -3.25
C CYS A 37 -15.30 13.76 -3.26
N GLY A 38 -14.41 13.75 -2.28
CA GLY A 38 -13.43 12.69 -2.17
C GLY A 38 -13.42 11.96 -0.84
N ASP A 39 -14.56 11.93 -0.20
CA ASP A 39 -14.74 11.36 1.14
C ASP A 39 -15.55 10.07 1.06
N PHE A 40 -14.87 8.95 1.32
CA PHE A 40 -15.41 7.60 1.19
C PHE A 40 -16.45 7.29 2.23
N SER A 41 -16.81 8.28 3.02
CA SER A 41 -17.90 8.19 3.95
C SER A 41 -19.17 8.47 3.19
N ASN A 42 -19.04 8.95 1.97
CA ASN A 42 -20.20 9.25 1.16
C ASN A 42 -20.07 8.49 -0.14
N PRO A 43 -20.28 7.18 -0.06
CA PRO A 43 -20.16 6.27 -1.20
C PRO A 43 -20.93 6.77 -2.40
N LYS A 44 -22.06 7.41 -2.14
CA LYS A 44 -22.91 7.93 -3.21
C LYS A 44 -22.25 9.18 -3.77
N GLY A 45 -21.57 9.91 -2.91
CA GLY A 45 -20.92 11.13 -3.31
C GLY A 45 -19.65 10.91 -4.16
N VAL A 46 -18.96 9.79 -3.94
CA VAL A 46 -17.79 9.44 -4.73
C VAL A 46 -18.24 8.81 -6.06
N ALA A 47 -19.47 8.30 -6.03
CA ALA A 47 -20.09 7.82 -7.24
C ALA A 47 -20.37 9.06 -8.07
N GLU A 48 -21.05 10.02 -7.48
CA GLU A 48 -21.42 11.25 -8.17
C GLU A 48 -20.15 11.82 -8.79
N THR A 49 -19.15 12.07 -7.96
CA THR A 49 -17.84 12.52 -8.47
C THR A 49 -17.37 11.73 -9.69
N VAL A 50 -17.43 10.40 -9.64
CA VAL A 50 -17.01 9.54 -10.75
C VAL A 50 -17.91 9.67 -11.97
N ARG A 51 -19.16 10.10 -11.75
CA ARG A 51 -20.09 10.38 -12.85
C ARG A 51 -19.80 11.81 -13.33
N LYS A 52 -19.54 12.71 -12.39
CA LYS A 52 -19.25 14.13 -12.68
C LYS A 52 -18.06 14.39 -13.60
N LEU A 53 -17.07 13.45 -13.57
CA LEU A 53 -15.81 13.49 -14.32
C LEU A 53 -15.72 12.46 -15.48
N ARG A 54 -16.32 11.28 -15.35
CA ARG A 54 -16.31 10.24 -16.42
C ARG A 54 -14.97 9.56 -16.72
N PRO A 55 -14.12 9.30 -15.75
CA PRO A 55 -12.75 8.96 -16.10
C PRO A 55 -12.54 7.73 -16.96
N ASP A 56 -11.38 7.72 -17.62
CA ASP A 56 -10.98 6.55 -18.34
C ASP A 56 -10.33 5.61 -17.36
N VAL A 57 -9.68 6.16 -16.34
CA VAL A 57 -9.03 5.34 -15.34
C VAL A 57 -9.24 5.96 -13.97
N ILE A 58 -9.60 5.12 -13.00
CA ILE A 58 -9.72 5.55 -11.62
C ILE A 58 -8.63 4.83 -10.79
N VAL A 59 -7.84 5.59 -10.04
CA VAL A 59 -6.81 4.97 -9.22
C VAL A 59 -7.24 5.26 -7.83
N ASN A 60 -7.51 4.22 -7.05
CA ASN A 60 -8.00 4.47 -5.69
C ASN A 60 -6.89 4.21 -4.69
N ALA A 61 -6.38 5.27 -4.05
CA ALA A 61 -5.34 5.07 -3.01
C ALA A 61 -5.92 5.46 -1.64
N ALA A 62 -7.21 5.60 -1.53
CA ALA A 62 -7.76 6.01 -0.22
C ALA A 62 -8.23 4.76 0.47
N ALA A 63 -8.15 4.74 1.79
CA ALA A 63 -8.58 3.58 2.54
C ALA A 63 -8.59 3.90 4.03
N HIS A 64 -9.18 3.00 4.78
CA HIS A 64 -9.05 3.07 6.22
C HIS A 64 -7.78 2.24 6.40
N THR A 65 -6.75 2.85 6.93
CA THR A 65 -5.49 2.18 7.03
C THR A 65 -4.94 2.07 8.40
N ALA A 66 -5.70 2.46 9.43
CA ALA A 66 -5.25 2.27 10.78
C ALA A 66 -5.77 0.90 11.25
N VAL A 67 -4.96 -0.15 11.12
CA VAL A 67 -5.45 -1.50 11.30
C VAL A 67 -6.00 -1.69 12.70
N ASP A 68 -5.26 -1.26 13.73
CA ASP A 68 -5.68 -1.43 15.10
C ASP A 68 -6.96 -0.69 15.41
N LYS A 69 -7.14 0.51 14.89
CA LYS A 69 -8.34 1.27 15.22
C LYS A 69 -9.55 0.60 14.57
N ALA A 70 -9.30 -0.03 13.44
CA ALA A 70 -10.33 -0.74 12.70
C ALA A 70 -11.05 -1.78 13.58
N GLU A 71 -10.31 -2.47 14.44
CA GLU A 71 -10.96 -3.44 15.36
C GLU A 71 -11.98 -2.78 16.24
N SER A 72 -11.81 -1.50 16.50
CA SER A 72 -12.71 -0.80 17.38
C SER A 72 -13.84 -0.16 16.57
N GLU A 73 -13.68 -0.11 15.26
CA GLU A 73 -14.67 0.52 14.39
C GLU A 73 -14.72 -0.18 13.05
N PRO A 74 -15.13 -1.44 13.09
CA PRO A 74 -15.19 -2.23 11.87
C PRO A 74 -16.19 -1.63 10.90
N GLU A 75 -17.14 -0.84 11.40
CA GLU A 75 -18.18 -0.24 10.54
C GLU A 75 -17.58 0.77 9.57
N LEU A 76 -16.83 1.73 10.10
CA LEU A 76 -16.26 2.79 9.30
C LEU A 76 -15.25 2.22 8.28
N ALA A 77 -14.49 1.23 8.74
CA ALA A 77 -13.56 0.54 7.87
C ALA A 77 -14.30 -0.11 6.72
N GLN A 78 -15.44 -0.76 7.02
CA GLN A 78 -16.19 -1.45 5.99
C GLN A 78 -16.58 -0.44 4.92
N LEU A 79 -17.03 0.71 5.37
CA LEU A 79 -17.46 1.78 4.50
C LEU A 79 -16.32 2.21 3.55
N LEU A 80 -15.12 2.38 4.11
CA LEU A 80 -13.99 2.88 3.37
C LEU A 80 -13.27 1.83 2.55
N ASN A 81 -13.18 0.61 3.06
CA ASN A 81 -12.45 -0.43 2.36
C ASN A 81 -13.32 -1.35 1.49
N ALA A 82 -14.65 -1.19 1.53
CA ALA A 82 -15.51 -2.03 0.72
C ALA A 82 -16.67 -1.28 0.13
N THR A 83 -17.52 -0.67 0.95
CA THR A 83 -18.73 0.00 0.44
C THR A 83 -18.47 1.01 -0.67
N SER A 84 -17.57 1.94 -0.42
CA SER A 84 -17.20 2.94 -1.41
C SER A 84 -16.44 2.32 -2.61
N VAL A 85 -15.70 1.23 -2.38
CA VAL A 85 -15.04 0.51 -3.47
C VAL A 85 -16.07 -0.09 -4.45
N GLU A 86 -17.21 -0.60 -3.93
CA GLU A 86 -18.28 -1.16 -4.75
C GLU A 86 -18.94 -0.02 -5.53
N ALA A 87 -19.17 1.09 -4.86
CA ALA A 87 -19.89 2.24 -5.41
C ALA A 87 -19.17 2.90 -6.55
N ILE A 88 -17.86 2.78 -6.49
CA ILE A 88 -16.97 3.39 -7.43
C ILE A 88 -16.76 2.38 -8.53
N ALA A 89 -16.72 1.11 -8.14
CA ALA A 89 -16.65 0.02 -9.10
C ALA A 89 -17.85 0.02 -10.03
N LYS A 90 -19.07 -0.03 -9.45
CA LYS A 90 -20.27 -0.06 -10.26
C LYS A 90 -20.34 1.16 -11.16
N ALA A 91 -19.93 2.30 -10.65
CA ALA A 91 -20.03 3.52 -11.44
C ALA A 91 -18.95 3.43 -12.56
N ALA A 92 -17.81 2.86 -12.23
CA ALA A 92 -16.74 2.75 -13.19
C ALA A 92 -17.24 1.91 -14.33
N ASN A 93 -17.94 0.86 -13.96
CA ASN A 93 -18.42 -0.02 -14.96
C ASN A 93 -19.56 0.57 -15.77
N GLU A 94 -20.12 1.71 -15.37
CA GLU A 94 -21.20 2.30 -16.16
C GLU A 94 -20.56 2.79 -17.46
N THR A 95 -19.35 3.31 -17.35
CA THR A 95 -18.60 3.91 -18.49
C THR A 95 -17.41 3.11 -19.05
N GLY A 96 -17.26 1.85 -18.66
CA GLY A 96 -16.13 1.08 -19.13
C GLY A 96 -14.80 1.67 -18.66
N ALA A 97 -14.77 2.25 -17.49
CA ALA A 97 -13.51 2.79 -17.02
C ALA A 97 -12.68 1.72 -16.29
N TRP A 98 -11.36 1.83 -16.31
CA TRP A 98 -10.56 0.91 -15.51
C TRP A 98 -10.51 1.37 -14.08
N VAL A 99 -10.51 0.44 -13.13
CA VAL A 99 -10.33 0.82 -11.72
C VAL A 99 -9.08 0.20 -11.19
N VAL A 100 -8.17 1.00 -10.67
CA VAL A 100 -6.95 0.47 -10.06
C VAL A 100 -7.12 0.59 -8.57
N HIS A 101 -6.70 -0.44 -7.87
CA HIS A 101 -7.02 -0.51 -6.48
C HIS A 101 -5.95 -1.29 -5.72
N TYR A 102 -5.59 -0.80 -4.56
CA TYR A 102 -4.61 -1.45 -3.69
C TYR A 102 -5.25 -2.30 -2.56
N SER A 103 -4.71 -3.51 -2.36
CA SER A 103 -5.11 -4.35 -1.25
C SER A 103 -3.89 -4.76 -0.43
N THR A 104 -4.12 -5.66 0.50
CA THR A 104 -3.09 -6.02 1.44
C THR A 104 -2.98 -7.49 1.70
N ASP A 105 -1.80 -7.92 2.14
CA ASP A 105 -1.59 -9.32 2.52
C ASP A 105 -2.41 -9.72 3.73
N TYR A 106 -2.90 -8.77 4.54
CA TYR A 106 -3.74 -9.09 5.69
C TYR A 106 -5.00 -9.89 5.29
N VAL A 107 -5.04 -10.25 4.01
CA VAL A 107 -6.13 -10.98 3.42
C VAL A 107 -5.87 -12.48 3.62
N PHE A 108 -4.62 -12.83 3.94
CA PHE A 108 -4.17 -14.20 4.18
C PHE A 108 -3.93 -14.42 5.70
N PRO A 109 -3.78 -15.69 6.12
CA PRO A 109 -3.52 -16.02 7.52
C PRO A 109 -2.02 -15.91 7.84
N GLY A 110 -1.40 -16.96 8.36
CA GLY A 110 0.04 -16.96 8.62
C GLY A 110 0.64 -18.37 8.64
N THR A 111 1.74 -18.57 7.91
CA THR A 111 2.43 -19.86 7.91
C THR A 111 3.79 -19.71 7.25
N GLY A 112 4.75 -19.22 8.04
CA GLY A 112 6.10 -18.92 7.59
C GLY A 112 6.62 -19.80 6.50
N ASP A 113 7.70 -19.35 5.89
CA ASP A 113 8.34 -20.01 4.76
C ASP A 113 7.76 -19.67 3.38
N ILE A 114 6.48 -19.96 3.13
CA ILE A 114 5.95 -19.81 1.75
C ILE A 114 5.23 -18.53 1.34
N PRO A 115 5.68 -17.96 0.24
CA PRO A 115 4.99 -16.78 -0.31
C PRO A 115 3.65 -17.08 -0.98
N TRP A 116 2.68 -16.30 -0.52
CA TRP A 116 1.33 -16.34 -0.98
C TRP A 116 1.21 -15.95 -2.41
N GLN A 117 0.32 -16.65 -3.06
CA GLN A 117 0.05 -16.47 -4.45
C GLN A 117 -1.37 -16.00 -4.63
N GLU A 118 -1.65 -15.48 -5.84
CA GLU A 118 -2.96 -14.94 -6.12
C GLU A 118 -3.99 -16.05 -6.13
N THR A 119 -3.58 -17.28 -6.38
CA THR A 119 -4.51 -18.41 -6.42
C THR A 119 -4.70 -19.06 -5.09
N ASP A 120 -4.16 -18.46 -4.04
CA ASP A 120 -4.27 -19.04 -2.72
C ASP A 120 -5.60 -18.61 -2.15
N ALA A 121 -6.10 -19.40 -1.22
CA ALA A 121 -7.37 -19.10 -0.54
C ALA A 121 -7.14 -17.97 0.47
N THR A 122 -8.16 -17.14 0.68
CA THR A 122 -8.10 -16.06 1.66
C THR A 122 -8.95 -16.29 2.92
N SER A 123 -8.38 -15.90 4.06
CA SER A 123 -9.09 -15.93 5.32
C SER A 123 -8.46 -14.84 6.18
N PRO A 124 -9.05 -13.64 6.13
CA PRO A 124 -8.49 -12.46 6.79
C PRO A 124 -8.38 -12.56 8.32
N LEU A 125 -7.18 -12.26 8.79
CA LEU A 125 -6.87 -12.43 10.18
C LEU A 125 -7.36 -11.32 11.07
N ASN A 126 -7.66 -10.15 10.50
CA ASN A 126 -8.13 -9.02 11.31
C ASN A 126 -9.21 -8.23 10.55
N VAL A 127 -9.67 -7.12 11.12
CA VAL A 127 -10.75 -6.34 10.47
C VAL A 127 -10.29 -5.72 9.15
N TYR A 128 -9.17 -5.04 9.22
CA TYR A 128 -8.63 -4.40 8.05
C TYR A 128 -8.71 -5.33 6.85
N GLY A 129 -8.16 -6.53 7.04
CA GLY A 129 -8.11 -7.51 5.98
C GLY A 129 -9.49 -7.84 5.47
N LYS A 130 -10.44 -7.97 6.39
CA LYS A 130 -11.80 -8.37 6.07
C LYS A 130 -12.48 -7.35 5.20
N THR A 131 -12.47 -6.11 5.62
CA THR A 131 -13.12 -5.06 4.85
C THR A 131 -12.43 -4.87 3.50
N LYS A 132 -11.13 -5.14 3.45
CA LYS A 132 -10.39 -4.95 2.23
C LYS A 132 -10.69 -6.13 1.31
N LEU A 133 -11.03 -7.25 1.92
CA LEU A 133 -11.39 -8.40 1.12
C LEU A 133 -12.73 -8.08 0.48
N ALA A 134 -13.63 -7.57 1.31
CA ALA A 134 -14.95 -7.23 0.81
C ALA A 134 -14.81 -6.26 -0.33
N GLY A 135 -13.80 -5.41 -0.24
CA GLY A 135 -13.49 -4.41 -1.24
C GLY A 135 -13.04 -4.99 -2.57
N GLU A 136 -12.10 -5.91 -2.58
CA GLU A 136 -11.62 -6.49 -3.84
C GLU A 136 -12.58 -7.46 -4.54
N LYS A 137 -13.40 -8.10 -3.72
CA LYS A 137 -14.39 -9.01 -4.19
C LYS A 137 -15.47 -8.19 -4.87
N ALA A 138 -15.79 -7.06 -4.25
CA ALA A 138 -16.78 -6.14 -4.76
C ALA A 138 -16.26 -5.55 -6.05
N LEU A 139 -14.98 -5.26 -6.10
CA LEU A 139 -14.46 -4.71 -7.31
C LEU A 139 -14.53 -5.81 -8.36
N GLN A 140 -14.05 -6.99 -7.97
CA GLN A 140 -14.10 -8.15 -8.86
C GLN A 140 -15.45 -8.45 -9.46
N ASP A 141 -16.54 -8.32 -8.67
CA ASP A 141 -17.90 -8.63 -9.13
C ASP A 141 -18.63 -7.47 -9.83
N ASN A 142 -18.14 -6.24 -9.74
CA ASN A 142 -18.87 -5.12 -10.35
C ASN A 142 -18.15 -4.40 -11.45
N CYS A 143 -16.90 -4.71 -11.66
CA CYS A 143 -16.18 -3.94 -12.65
C CYS A 143 -15.03 -4.71 -13.18
N PRO A 144 -15.27 -5.38 -14.30
CA PRO A 144 -14.29 -6.28 -14.90
C PRO A 144 -13.01 -5.63 -15.39
N LYS A 145 -12.97 -4.33 -15.69
CA LYS A 145 -11.67 -3.75 -16.09
C LYS A 145 -11.06 -3.26 -14.82
N HIS A 146 -10.40 -4.17 -14.10
CA HIS A 146 -9.71 -3.84 -12.86
C HIS A 146 -8.30 -4.40 -12.79
N LEU A 147 -7.56 -3.78 -11.88
CA LEU A 147 -6.19 -4.10 -11.48
C LEU A 147 -6.17 -3.89 -9.99
N ILE A 148 -6.01 -4.99 -9.27
CA ILE A 148 -5.89 -4.96 -7.85
C ILE A 148 -4.47 -5.32 -7.57
N PHE A 149 -3.81 -4.46 -6.80
CA PHE A 149 -2.43 -4.67 -6.38
C PHE A 149 -2.33 -4.89 -4.90
N ARG A 150 -2.07 -6.15 -4.55
CA ARG A 150 -1.95 -6.54 -3.16
C ARG A 150 -0.55 -6.25 -2.69
N THR A 151 -0.46 -5.47 -1.66
CA THR A 151 0.85 -5.06 -1.25
C THR A 151 1.06 -5.20 0.25
N SER A 152 2.19 -4.73 0.73
CA SER A 152 2.55 -4.99 2.10
C SER A 152 3.68 -4.08 2.59
N TRP A 153 3.62 -3.68 3.87
CA TRP A 153 4.69 -2.95 4.50
C TRP A 153 5.12 -1.71 3.67
N VAL A 154 4.13 -0.92 3.34
CA VAL A 154 4.34 0.21 2.48
C VAL A 154 4.92 1.39 3.22
N TYR A 155 5.96 1.99 2.65
CA TYR A 155 6.56 3.23 3.26
C TYR A 155 6.76 4.39 2.20
N ALA A 156 6.79 5.62 2.62
CA ALA A 156 7.21 6.74 1.74
C ALA A 156 8.12 7.68 2.55
N GLY A 157 8.84 8.58 1.91
CA GLY A 157 9.79 9.46 2.59
C GLY A 157 9.12 10.70 3.15
N LYS A 158 7.93 11.00 2.67
CA LYS A 158 7.15 12.11 3.08
C LYS A 158 6.17 11.60 4.17
N GLY A 159 6.20 12.20 5.30
CA GLY A 159 5.31 11.70 6.30
C GLY A 159 6.04 10.68 7.16
N ASN A 160 5.35 10.28 8.19
CA ASN A 160 5.94 9.34 9.13
C ASN A 160 6.07 7.98 8.47
N ASN A 161 7.05 7.19 8.91
CA ASN A 161 7.27 5.83 8.43
C ASN A 161 8.08 5.07 9.52
N PHE A 162 8.25 3.75 9.35
CA PHE A 162 8.98 2.89 10.30
C PHE A 162 10.42 3.35 10.50
N ALA A 163 11.08 3.69 9.43
CA ALA A 163 12.45 4.15 9.46
C ALA A 163 12.56 5.35 10.39
N LYS A 164 11.71 6.32 10.17
CA LYS A 164 11.75 7.54 10.96
C LYS A 164 11.42 7.27 12.41
N THR A 165 10.35 6.55 12.65
CA THR A 165 9.96 6.33 14.03
C THR A 165 11.14 5.67 14.73
N MET A 166 11.76 4.70 14.08
CA MET A 166 12.87 4.00 14.65
C MET A 166 14.04 4.93 14.92
N LEU A 167 14.26 5.89 14.01
CA LEU A 167 15.38 6.84 14.13
C LEU A 167 15.19 7.80 15.27
N ARG A 168 13.96 8.27 15.45
CA ARG A 168 13.61 9.04 16.63
C ARG A 168 13.96 8.27 17.91
N LEU A 169 13.65 6.98 17.93
CA LEU A 169 13.94 6.13 19.07
C LEU A 169 15.44 6.05 19.21
N ALA A 170 16.12 5.72 18.13
CA ALA A 170 17.58 5.54 18.18
C ALA A 170 18.38 6.80 18.59
N LYS A 171 17.75 7.97 18.50
CA LYS A 171 18.35 9.24 18.90
C LYS A 171 18.13 9.45 20.42
N GLU A 172 16.91 9.16 20.86
CA GLU A 172 16.46 9.39 22.22
C GLU A 172 16.72 8.19 23.13
N ARG A 173 16.99 7.00 22.59
CA ARG A 173 17.21 5.82 23.44
C ARG A 173 18.56 5.13 23.29
N GLN A 174 18.91 4.34 24.32
CA GLN A 174 20.15 3.56 24.37
C GLN A 174 19.95 2.07 24.02
N THR A 175 18.84 1.50 24.45
CA THR A 175 18.50 0.11 24.09
C THR A 175 17.11 0.10 23.42
N LEU A 176 16.89 -0.82 22.47
CA LEU A 176 15.61 -0.89 21.74
C LEU A 176 15.13 -2.33 21.45
N SER A 177 13.81 -2.53 21.43
CA SER A 177 13.22 -3.85 21.21
C SER A 177 12.33 -3.86 19.99
N VAL A 178 12.54 -4.83 19.09
CA VAL A 178 11.78 -4.93 17.82
C VAL A 178 11.63 -6.38 17.24
N ILE A 179 10.42 -6.65 16.79
CA ILE A 179 9.99 -7.92 16.26
C ILE A 179 10.90 -8.50 15.23
N ASN A 180 11.21 -9.77 15.40
CA ASN A 180 12.06 -10.46 14.48
C ASN A 180 11.44 -11.71 13.94
N ASP A 181 10.13 -11.84 14.08
CA ASP A 181 9.45 -13.04 13.61
C ASP A 181 8.26 -12.72 12.72
N GLN A 182 8.19 -11.53 12.19
CA GLN A 182 7.20 -11.17 11.16
C GLN A 182 8.00 -10.98 9.89
N TYR A 183 7.60 -11.62 8.82
CA TYR A 183 8.38 -11.63 7.59
C TYR A 183 7.67 -10.98 6.40
N GLY A 184 8.33 -10.02 5.73
CA GLY A 184 7.81 -9.42 4.50
C GLY A 184 8.87 -8.60 3.77
N ALA A 185 8.41 -7.82 2.84
CA ALA A 185 9.28 -6.97 2.01
C ALA A 185 8.82 -5.54 2.12
N PRO A 186 9.55 -4.65 2.77
CA PRO A 186 9.11 -3.24 2.81
C PRO A 186 8.95 -2.73 1.36
N THR A 187 7.80 -2.18 1.03
CA THR A 187 7.55 -1.74 -0.33
C THR A 187 7.33 -0.25 -0.43
N GLY A 188 8.18 0.40 -1.22
CA GLY A 188 8.11 1.82 -1.41
C GLY A 188 6.89 2.28 -2.16
N ALA A 189 6.32 3.37 -1.69
CA ALA A 189 5.35 4.12 -2.42
C ALA A 189 5.83 4.56 -3.86
N GLU A 190 7.11 4.82 -4.01
CA GLU A 190 7.72 5.12 -5.31
C GLU A 190 7.54 3.92 -6.22
N LEU A 191 7.85 2.72 -5.71
CA LEU A 191 7.75 1.50 -6.56
C LEU A 191 6.29 1.26 -6.92
N LEU A 192 5.41 1.43 -5.95
CA LEU A 192 3.99 1.25 -6.20
C LEU A 192 3.43 2.17 -7.26
N ALA A 193 3.72 3.44 -7.08
CA ALA A 193 3.30 4.46 -8.01
C ALA A 193 3.80 4.25 -9.44
N ASP A 194 5.07 3.98 -9.60
CA ASP A 194 5.66 3.79 -10.91
C ASP A 194 5.14 2.53 -11.56
N CYS A 195 5.00 1.44 -10.83
CA CYS A 195 4.47 0.21 -11.42
C CYS A 195 3.04 0.40 -11.87
N THR A 196 2.30 1.17 -11.07
CA THR A 196 0.92 1.48 -11.45
C THR A 196 0.81 2.21 -12.77
N ALA A 197 1.61 3.25 -12.91
CA ALA A 197 1.66 4.01 -14.15
C ALA A 197 1.94 3.14 -15.37
N HIS A 198 2.97 2.31 -15.30
CA HIS A 198 3.23 1.35 -16.39
C HIS A 198 2.08 0.33 -16.58
N ALA A 199 1.54 -0.22 -15.51
CA ALA A 199 0.51 -1.23 -15.64
C ALA A 199 -0.75 -0.65 -16.30
N ILE A 200 -1.04 0.63 -16.07
CA ILE A 200 -2.13 1.30 -16.68
C ILE A 200 -1.90 1.33 -18.22
N ARG A 201 -0.71 1.70 -18.63
CA ARG A 201 -0.44 1.84 -20.05
C ARG A 201 -0.48 0.45 -20.75
N VAL A 202 -0.10 -0.61 -20.07
CA VAL A 202 -0.34 -1.95 -20.68
C VAL A 202 -1.80 -2.31 -20.79
N ALA A 203 -2.53 -2.12 -19.69
CA ALA A 203 -3.95 -2.50 -19.60
C ALA A 203 -4.80 -1.82 -20.65
N LEU A 204 -4.47 -0.57 -20.94
CA LEU A 204 -5.17 0.16 -22.00
C LEU A 204 -4.98 -0.48 -23.32
N ASN A 205 -3.80 -1.03 -23.52
CA ASN A 205 -3.47 -1.69 -24.78
C ASN A 205 -3.83 -3.21 -24.78
N LYS A 206 -3.76 -3.88 -23.60
CA LYS A 206 -4.04 -5.32 -23.44
C LYS A 206 -5.02 -5.56 -22.31
N PRO A 207 -6.30 -5.45 -22.58
CA PRO A 207 -7.31 -5.61 -21.54
C PRO A 207 -7.28 -6.95 -20.83
N GLU A 208 -6.65 -7.96 -21.41
CA GLU A 208 -6.57 -9.28 -20.75
C GLU A 208 -5.71 -9.25 -19.45
N VAL A 209 -4.95 -8.19 -19.20
CA VAL A 209 -4.10 -8.17 -18.00
C VAL A 209 -4.90 -7.93 -16.72
N ALA A 210 -6.19 -7.66 -16.90
CA ALA A 210 -7.08 -7.32 -15.80
C ALA A 210 -7.09 -8.42 -14.80
N GLY A 211 -7.02 -8.07 -13.52
CA GLY A 211 -7.12 -9.07 -12.49
C GLY A 211 -6.40 -8.68 -11.25
N LEU A 212 -6.10 -9.69 -10.45
CA LEU A 212 -5.50 -9.49 -9.14
C LEU A 212 -4.00 -9.76 -9.24
N TYR A 213 -3.20 -8.91 -8.61
CA TYR A 213 -1.73 -9.06 -8.62
C TYR A 213 -1.11 -8.88 -7.25
N HIS A 214 -0.11 -9.71 -6.96
CA HIS A 214 0.79 -9.44 -5.85
C HIS A 214 1.90 -8.46 -6.30
N LEU A 215 2.08 -7.35 -5.56
CA LEU A 215 3.05 -6.31 -5.91
C LEU A 215 3.84 -5.82 -4.71
N VAL A 216 5.08 -6.31 -4.60
CA VAL A 216 5.97 -5.92 -3.53
C VAL A 216 7.40 -5.88 -4.05
N ALA A 217 8.26 -5.12 -3.36
CA ALA A 217 9.69 -5.21 -3.63
C ALA A 217 10.17 -6.65 -3.36
N GLY A 218 11.22 -7.06 -4.02
CA GLY A 218 11.78 -8.36 -3.83
C GLY A 218 12.52 -8.51 -2.49
N GLY A 219 12.73 -9.78 -2.16
CA GLY A 219 13.43 -10.23 -0.98
C GLY A 219 12.50 -10.44 0.19
N THR A 220 13.11 -10.53 1.37
CA THR A 220 12.33 -10.73 2.53
C THR A 220 13.22 -10.38 3.71
N THR A 221 12.61 -9.77 4.72
CA THR A 221 13.33 -9.39 5.92
C THR A 221 12.33 -9.32 7.07
N THR A 222 12.80 -8.93 8.23
CA THR A 222 11.90 -8.77 9.35
C THR A 222 12.01 -7.34 9.83
N TRP A 223 11.13 -6.94 10.73
CA TRP A 223 11.23 -5.59 11.21
C TRP A 223 12.58 -5.29 11.87
N HIS A 224 13.15 -6.28 12.56
CA HIS A 224 14.41 -6.11 13.25
C HIS A 224 15.56 -5.98 12.29
N ASP A 225 15.53 -6.77 11.23
CA ASP A 225 16.57 -6.69 10.22
C ASP A 225 16.41 -5.40 9.37
N TYR A 226 15.18 -4.95 9.19
CA TYR A 226 14.88 -3.74 8.48
C TYR A 226 15.44 -2.60 9.37
N ALA A 227 15.13 -2.64 10.66
CA ALA A 227 15.61 -1.58 11.51
C ALA A 227 17.13 -1.57 11.53
N ALA A 228 17.77 -2.73 11.55
CA ALA A 228 19.23 -2.76 11.54
C ALA A 228 19.82 -2.01 10.37
N LEU A 229 19.22 -2.20 9.17
CA LEU A 229 19.71 -1.55 7.94
C LEU A 229 19.59 -0.06 8.04
N VAL A 230 18.48 0.40 8.60
CA VAL A 230 18.20 1.82 8.79
C VAL A 230 19.27 2.37 9.75
N PHE A 231 19.54 1.64 10.84
CA PHE A 231 20.56 2.08 11.81
C PHE A 231 21.92 2.19 11.19
N ASP A 232 22.35 1.12 10.56
CA ASP A 232 23.57 1.11 9.82
C ASP A 232 23.65 2.22 8.76
N GLU A 233 22.57 2.40 8.00
CA GLU A 233 22.55 3.43 6.98
C GLU A 233 22.81 4.77 7.62
N ALA A 234 22.07 5.08 8.67
CA ALA A 234 22.22 6.32 9.40
C ALA A 234 23.63 6.41 10.01
N ARG A 235 24.19 5.33 10.54
CA ARG A 235 25.56 5.43 11.08
C ARG A 235 26.46 5.78 9.91
N LYS A 236 26.29 5.10 8.78
CA LYS A 236 27.09 5.44 7.61
C LYS A 236 26.93 6.91 7.12
N ALA A 237 25.82 7.59 7.42
CA ALA A 237 25.63 8.97 6.97
C ALA A 237 26.08 10.03 7.96
N GLY A 238 26.50 9.57 9.13
CA GLY A 238 26.96 10.47 10.16
C GLY A 238 25.86 10.84 11.11
N ILE A 239 24.74 10.15 11.09
CA ILE A 239 23.72 10.47 12.08
C ILE A 239 24.21 9.86 13.40
N THR A 240 24.38 10.68 14.44
CA THR A 240 24.78 10.10 15.73
C THR A 240 23.57 9.50 16.34
N LEU A 241 23.74 8.32 16.93
CA LEU A 241 22.64 7.60 17.57
C LEU A 241 22.97 7.29 19.02
N ALA A 242 22.03 7.55 19.90
CA ALA A 242 22.27 7.22 21.31
C ALA A 242 22.32 5.70 21.44
N LEU A 243 21.54 5.03 20.59
CA LEU A 243 21.37 3.58 20.63
C LEU A 243 22.60 2.69 20.75
N THR A 244 22.64 1.90 21.80
CA THR A 244 23.73 0.97 21.98
C THR A 244 23.27 -0.47 21.85
N GLU A 245 22.12 -0.84 22.38
CA GLU A 245 21.68 -2.25 22.30
C GLU A 245 20.47 -2.53 21.43
N LEU A 246 20.65 -3.43 20.47
CA LEU A 246 19.55 -3.83 19.58
C LEU A 246 19.18 -5.29 19.78
N ASN A 247 18.06 -5.51 20.45
CA ASN A 247 17.57 -6.85 20.71
C ASN A 247 16.36 -7.25 19.85
N ALA A 248 16.41 -8.48 19.37
CA ALA A 248 15.32 -9.12 18.64
C ALA A 248 14.35 -9.65 19.67
N VAL A 249 13.06 -9.59 19.36
CA VAL A 249 12.03 -10.04 20.28
C VAL A 249 10.87 -10.64 19.51
N PRO A 250 10.23 -11.67 20.08
CA PRO A 250 9.04 -12.24 19.46
C PRO A 250 7.86 -11.26 19.41
N THR A 251 6.90 -11.56 18.54
CA THR A 251 5.68 -10.79 18.33
C THR A 251 4.77 -10.66 19.51
N SER A 252 4.54 -11.81 20.15
CA SER A 252 3.57 -11.94 21.24
C SER A 252 3.84 -11.09 22.46
N ALA A 253 5.09 -11.04 22.87
CA ALA A 253 5.47 -10.35 24.10
C ALA A 253 4.87 -8.94 24.30
N TYR A 254 4.49 -8.28 23.21
CA TYR A 254 3.92 -6.92 23.27
C TYR A 254 2.64 -6.80 22.42
N PRO A 255 1.59 -6.33 23.08
CA PRO A 255 0.22 -6.25 22.52
C PRO A 255 -0.12 -5.47 21.29
N THR A 256 -0.84 -6.08 20.35
CA THR A 256 -1.54 -5.30 19.33
C THR A 256 -2.95 -5.85 19.21
N PRO A 257 -3.90 -4.94 19.29
CA PRO A 257 -5.34 -5.22 19.21
C PRO A 257 -5.71 -6.10 18.04
N ALA A 258 -5.27 -5.74 16.86
CA ALA A 258 -5.57 -6.58 15.73
C ALA A 258 -4.36 -7.44 15.50
N SER A 259 -4.56 -8.68 15.09
CA SER A 259 -3.46 -9.59 14.87
C SER A 259 -2.69 -9.25 13.60
N ARG A 260 -1.37 -9.44 13.65
CA ARG A 260 -0.50 -9.27 12.48
C ARG A 260 -0.05 -10.65 12.03
N PRO A 261 0.08 -10.87 10.74
CA PRO A 261 0.50 -12.18 10.25
C PRO A 261 1.98 -12.35 10.51
N GLY A 262 2.42 -13.57 10.74
CA GLY A 262 3.84 -13.83 10.88
C GLY A 262 4.40 -13.92 9.46
N ASN A 263 3.53 -14.25 8.50
CA ASN A 263 3.93 -14.43 7.09
C ASN A 263 3.25 -13.49 6.15
N SER A 264 3.88 -12.33 5.92
CA SER A 264 3.43 -11.40 4.89
C SER A 264 4.21 -11.63 3.59
N ARG A 265 4.85 -12.77 3.39
CA ARG A 265 5.61 -12.93 2.15
C ARG A 265 4.67 -13.02 0.97
N LEU A 266 4.96 -12.35 -0.18
CA LEU A 266 4.12 -12.45 -1.39
C LEU A 266 4.91 -12.79 -2.63
N ASN A 267 4.44 -13.75 -3.39
CA ASN A 267 5.04 -14.11 -4.65
C ASN A 267 4.49 -13.15 -5.71
N THR A 268 5.36 -12.54 -6.50
CA THR A 268 4.94 -11.57 -7.49
C THR A 268 5.28 -11.96 -8.92
N GLU A 269 5.33 -13.26 -9.19
CA GLU A 269 5.63 -13.67 -10.58
C GLU A 269 4.53 -13.26 -11.56
N LYS A 270 3.29 -13.24 -11.12
CA LYS A 270 2.16 -12.87 -11.99
C LYS A 270 2.32 -11.47 -12.54
N PHE A 271 2.54 -10.49 -11.66
CA PHE A 271 2.77 -9.17 -12.10
C PHE A 271 4.00 -9.03 -13.01
N GLN A 272 5.14 -9.56 -12.60
CA GLN A 272 6.36 -9.50 -13.43
C GLN A 272 6.21 -9.98 -14.89
N ARG A 273 5.48 -11.05 -15.10
CA ARG A 273 5.37 -11.54 -16.47
C ARG A 273 4.25 -10.89 -17.24
N ASN A 274 3.18 -10.48 -16.56
CA ASN A 274 2.06 -9.86 -17.29
C ASN A 274 2.36 -8.41 -17.74
N PHE A 275 3.17 -7.69 -16.98
CA PHE A 275 3.53 -6.31 -17.29
C PHE A 275 4.96 -6.19 -17.82
N ASP A 276 5.78 -7.24 -17.74
CA ASP A 276 7.21 -7.19 -18.16
C ASP A 276 7.95 -6.12 -17.44
N LEU A 277 7.78 -6.12 -16.12
CA LEU A 277 8.38 -5.17 -15.26
C LEU A 277 9.20 -5.94 -14.29
N ILE A 278 10.09 -5.23 -13.65
CA ILE A 278 11.04 -5.75 -12.68
C ILE A 278 10.68 -5.25 -11.33
N LEU A 279 10.88 -6.11 -10.31
CA LEU A 279 10.57 -5.65 -8.96
C LEU A 279 11.87 -5.77 -8.16
N PRO A 280 12.51 -4.65 -7.95
CA PRO A 280 13.81 -4.64 -7.24
C PRO A 280 13.74 -5.04 -5.77
N GLN A 281 14.87 -5.51 -5.25
CA GLN A 281 15.06 -5.91 -3.87
C GLN A 281 14.69 -4.78 -2.96
N TRP A 282 14.02 -5.11 -1.89
CA TRP A 282 13.50 -4.11 -0.97
C TRP A 282 14.50 -3.09 -0.43
N GLU A 283 15.77 -3.45 -0.41
CA GLU A 283 16.76 -2.60 0.22
C GLU A 283 16.98 -1.34 -0.56
N LEU A 284 16.88 -1.44 -1.87
CA LEU A 284 17.14 -0.31 -2.75
C LEU A 284 16.29 0.89 -2.43
N GLY A 285 14.99 0.62 -2.37
CA GLY A 285 14.01 1.59 -2.10
C GLY A 285 14.17 2.23 -0.73
N VAL A 286 14.47 1.42 0.25
CA VAL A 286 14.71 1.95 1.60
C VAL A 286 15.95 2.79 1.72
N LYS A 287 17.03 2.36 1.12
CA LYS A 287 18.31 3.10 1.19
C LYS A 287 18.16 4.47 0.47
N ARG A 288 17.32 4.45 -0.55
CA ARG A 288 17.12 5.66 -1.30
C ARG A 288 16.30 6.62 -0.47
N MET A 289 15.22 6.16 0.17
CA MET A 289 14.49 7.09 0.97
C MET A 289 15.36 7.58 2.14
N LEU A 290 16.22 6.71 2.69
CA LEU A 290 17.11 7.11 3.78
C LEU A 290 18.07 8.21 3.31
N THR A 291 18.68 8.02 2.14
CA THR A 291 19.57 9.05 1.62
C THR A 291 18.87 10.39 1.43
N GLU A 292 17.66 10.32 0.91
CA GLU A 292 16.92 11.55 0.66
C GLU A 292 16.66 12.22 1.97
N MET A 293 16.28 11.43 2.97
CA MET A 293 16.08 12.02 4.29
C MET A 293 17.40 12.59 4.83
N PHE A 294 18.52 11.86 4.69
CA PHE A 294 19.77 12.32 5.25
C PHE A 294 20.45 13.46 4.47
N THR A 295 20.37 13.47 3.15
CA THR A 295 20.99 14.52 2.34
C THR A 295 19.89 15.51 1.97
N THR A 296 19.37 16.16 2.98
CA THR A 296 18.26 17.07 2.82
C THR A 296 18.71 18.51 2.58
N THR A 297 18.96 18.90 1.34
CA THR A 297 19.36 20.31 1.13
C THR A 297 18.29 21.13 1.80
N THR A 298 18.68 21.85 2.83
CA THR A 298 17.75 22.65 3.60
C THR A 298 18.57 23.39 4.62
#